data_8AYJ
#
_entry.id   8AYJ
#
_cell.length_a   50.573
_cell.length_b   58.434
_cell.length_c   96.722
_cell.angle_alpha   90.000
_cell.angle_beta   94.110
_cell.angle_gamma   90.000
#
_symmetry.space_group_name_H-M   'P 1 21 1'
#
loop_
_entity.id
_entity.type
_entity.pdbx_description
1 polymer 'Aminotransferase class IV'
2 non-polymer '3-[(~{E})-[2-methyl-3-oxidanyl-5-(phosphonooxymethyl)pyridin-4-yl]methylideneamino]oxypropanoic acid'
3 non-polymer 1,2-ETHANEDIOL
4 non-polymer "PYRIDOXAL-5'-PHOSPHATE"
5 water water
#
_entity_poly.entity_id   1
_entity_poly.type   'polypeptide(L)'
_entity_poly.pdbx_seq_one_letter_code
;GHMNLCYIDGKFLPLEEAKLPVTDLIIQRGVGVFETISTHSRRPLMLTPHLKRLEGSATASSIVMPATLDEMARIIREGI
KKMGCETMVRPYITGGDSFGKDHLFSSSRYFVIFEEIRKPDPILYEKGVALHPINAERYLPSTKSINYMLSFTGQRDSKG
AYEILYCPEGEIVEGSHSTFFLIKNGHLITAPTSRALSGTTRQIVLELARRGNIQVEERCPLLTELPEAEEAFITGTVKE
LLPVVRIGDQIIGNGVPGKLTKHLHQVYLSSIVEWLE
;
_entity_poly.pdbx_strand_id   A,B
#
# COMPACT_ATOMS: atom_id res chain seq x y z
N HIS A 2 -11.45 -20.12 21.78
CA HIS A 2 -12.49 -20.25 20.72
C HIS A 2 -11.88 -20.32 19.30
N MET A 3 -12.59 -20.94 18.38
CA MET A 3 -12.33 -20.81 16.92
C MET A 3 -12.24 -19.31 16.55
N ASN A 4 -11.22 -18.90 15.83
CA ASN A 4 -11.17 -17.52 15.27
C ASN A 4 -12.24 -17.34 14.18
N LEU A 5 -12.88 -16.18 14.15
CA LEU A 5 -14.09 -15.92 13.31
C LEU A 5 -13.85 -14.82 12.29
N CYS A 6 -14.65 -14.87 11.22
CA CYS A 6 -14.74 -13.76 10.26
C CYS A 6 -16.23 -13.53 10.00
N TYR A 7 -16.68 -12.35 10.41
CA TYR A 7 -18.07 -11.94 10.08
C TYR A 7 -18.02 -11.43 8.65
N ILE A 8 -18.78 -12.08 7.77
CA ILE A 8 -18.88 -11.61 6.36
C ILE A 8 -20.22 -12.06 5.80
N ASP A 9 -20.85 -11.20 4.99
CA ASP A 9 -22.15 -11.54 4.34
C ASP A 9 -23.20 -12.04 5.35
N GLY A 10 -23.37 -11.38 6.49
CA GLY A 10 -24.45 -11.74 7.42
C GLY A 10 -24.11 -12.87 8.38
N LYS A 11 -22.92 -13.50 8.32
CA LYS A 11 -22.63 -14.72 9.10
C LYS A 11 -21.26 -14.64 9.78
N PHE A 12 -21.11 -15.25 10.96
CA PHE A 12 -19.82 -15.48 11.66
C PHE A 12 -19.27 -16.83 11.17
N LEU A 13 -18.37 -16.79 10.18
CA LEU A 13 -17.68 -17.95 9.62
C LEU A 13 -16.44 -18.22 10.46
N PRO A 14 -15.93 -19.47 10.53
CA PRO A 14 -14.54 -19.71 10.92
C PRO A 14 -13.61 -18.87 10.04
N LEU A 15 -12.59 -18.24 10.63
CA LEU A 15 -11.75 -17.26 9.89
C LEU A 15 -11.18 -17.93 8.64
N GLU A 16 -10.74 -19.18 8.77
CA GLU A 16 -10.08 -19.89 7.64
C GLU A 16 -11.05 -20.22 6.50
N GLU A 17 -12.36 -20.19 6.71
CA GLU A 17 -13.38 -20.49 5.69
C GLU A 17 -13.80 -19.22 4.94
N ALA A 18 -13.47 -18.04 5.43
CA ALA A 18 -14.03 -16.79 4.87
C ALA A 18 -13.24 -16.42 3.62
N LYS A 19 -13.97 -15.95 2.61
CA LYS A 19 -13.33 -15.64 1.32
C LYS A 19 -13.92 -14.38 0.72
N LEU A 20 -13.13 -13.72 -0.11
CA LEU A 20 -13.47 -12.45 -0.76
C LEU A 20 -13.25 -12.60 -2.26
N PRO A 21 -14.18 -12.04 -3.07
CA PRO A 21 -14.05 -12.11 -4.52
C PRO A 21 -12.82 -11.36 -5.03
N VAL A 22 -12.16 -11.96 -6.02
CA VAL A 22 -10.86 -11.44 -6.51
C VAL A 22 -11.13 -10.18 -7.37
N THR A 23 -12.38 -9.95 -7.79
CA THR A 23 -12.82 -8.61 -8.30
C THR A 23 -12.58 -7.44 -7.31
N ASP A 24 -12.50 -7.67 -6.01
CA ASP A 24 -12.51 -6.56 -5.02
C ASP A 24 -11.18 -5.80 -5.19
N LEU A 25 -11.26 -4.47 -5.28
CA LEU A 25 -10.06 -3.64 -5.41
C LEU A 25 -9.21 -3.65 -4.15
N ILE A 26 -9.66 -4.22 -3.02
CA ILE A 26 -8.70 -4.47 -1.91
C ILE A 26 -7.60 -5.39 -2.44
N ILE A 27 -7.96 -6.44 -3.18
CA ILE A 27 -7.01 -7.46 -3.67
C ILE A 27 -6.26 -6.86 -4.83
N GLN A 28 -6.95 -6.25 -5.80
CA GLN A 28 -6.34 -5.86 -7.09
C GLN A 28 -5.43 -4.65 -6.95
N ARG A 29 -5.75 -3.73 -6.05
CA ARG A 29 -5.19 -2.36 -6.01
C ARG A 29 -4.94 -1.87 -4.58
N GLY A 30 -4.96 -2.73 -3.58
CA GLY A 30 -4.78 -2.39 -2.14
C GLY A 30 -5.75 -1.35 -1.60
N VAL A 31 -6.96 -1.26 -2.15
CA VAL A 31 -7.99 -0.31 -1.67
C VAL A 31 -8.72 -0.96 -0.47
N GLY A 32 -8.38 -0.52 0.71
CA GLY A 32 -8.97 -1.01 1.96
C GLY A 32 -8.50 -0.19 3.14
N VAL A 33 -9.35 -0.13 4.15
CA VAL A 33 -8.97 0.51 5.44
C VAL A 33 -9.46 -0.44 6.52
N PHE A 34 -8.85 -0.37 7.68
CA PHE A 34 -9.19 -1.26 8.81
C PHE A 34 -8.82 -0.57 10.11
N GLU A 35 -9.31 -1.17 11.18
CA GLU A 35 -8.93 -0.88 12.58
C GLU A 35 -8.62 -2.18 13.32
N THR A 36 -7.85 -2.04 14.36
CA THR A 36 -7.54 -3.09 15.35
C THR A 36 -8.11 -2.63 16.68
N ILE A 37 -8.97 -3.46 17.26
CA ILE A 37 -9.67 -3.21 18.55
C ILE A 37 -9.34 -4.38 19.49
N SER A 38 -8.96 -4.11 20.71
CA SER A 38 -8.68 -5.17 21.70
C SER A 38 -9.79 -5.12 22.74
N THR A 39 -9.85 -6.17 23.55
CA THR A 39 -10.74 -6.24 24.73
C THR A 39 -9.92 -6.34 26.01
N HIS A 40 -10.53 -5.80 27.08
CA HIS A 40 -10.19 -6.06 28.48
C HIS A 40 -11.53 -6.47 29.12
N SER A 41 -11.56 -7.54 29.90
CA SER A 41 -12.80 -8.13 30.50
C SER A 41 -13.88 -8.37 29.43
N ARG A 42 -13.46 -8.82 28.24
CA ARG A 42 -14.30 -9.10 27.05
C ARG A 42 -15.16 -7.86 26.69
N ARG A 43 -14.65 -6.65 26.93
CA ARG A 43 -15.28 -5.40 26.49
C ARG A 43 -14.32 -4.67 25.56
N PRO A 44 -14.81 -4.09 24.43
CA PRO A 44 -13.94 -3.46 23.44
C PRO A 44 -13.41 -2.12 23.93
N LEU A 45 -12.08 -1.95 23.80
CA LEU A 45 -11.37 -0.74 24.28
C LEU A 45 -11.44 0.31 23.18
N MET A 46 -11.91 1.50 23.54
CA MET A 46 -11.94 2.66 22.66
C MET A 46 -12.74 2.31 21.41
N LEU A 47 -13.88 1.64 21.58
CA LEU A 47 -14.68 1.15 20.43
C LEU A 47 -15.10 2.33 19.57
N THR A 48 -15.65 3.38 20.17
CA THR A 48 -16.23 4.50 19.37
C THR A 48 -15.06 5.22 18.69
N PRO A 49 -13.95 5.57 19.42
CA PRO A 49 -12.80 6.22 18.79
C PRO A 49 -12.24 5.41 17.63
N HIS A 50 -12.20 4.09 17.72
CA HIS A 50 -11.72 3.23 16.60
C HIS A 50 -12.69 3.31 15.42
N LEU A 51 -13.98 3.14 15.65
CA LEU A 51 -15.00 3.21 14.56
C LEU A 51 -15.07 4.59 13.90
N LYS A 52 -14.83 5.66 14.66
CA LYS A 52 -14.75 7.03 14.07
C LYS A 52 -13.46 7.10 13.26
N ARG A 53 -12.37 6.49 13.74
CA ARG A 53 -11.11 6.51 12.95
C ARG A 53 -11.27 5.66 11.69
N LEU A 54 -12.01 4.55 11.75
CA LEU A 54 -12.30 3.70 10.54
C LEU A 54 -13.08 4.53 9.50
N GLU A 55 -14.11 5.24 9.94
CA GLU A 55 -14.89 6.12 9.02
CA GLU A 55 -14.88 6.11 9.00
C GLU A 55 -13.96 7.18 8.43
N GLY A 56 -13.11 7.78 9.26
CA GLY A 56 -12.16 8.81 8.84
C GLY A 56 -11.21 8.27 7.77
N SER A 57 -10.71 7.06 7.97
CA SER A 57 -9.85 6.34 6.98
C SER A 57 -10.61 6.14 5.67
N ALA A 58 -11.82 5.61 5.78
CA ALA A 58 -12.69 5.28 4.62
C ALA A 58 -12.95 6.57 3.81
N THR A 59 -13.38 7.65 4.48
CA THR A 59 -13.66 8.98 3.87
C THR A 59 -12.42 9.54 3.20
N ALA A 60 -11.25 9.47 3.85
CA ALA A 60 -9.97 10.01 3.32
C ALA A 60 -9.57 9.20 2.08
N SER A 61 -10.00 7.93 1.99
CA SER A 61 -9.69 7.00 0.87
C SER A 61 -10.78 6.99 -0.20
N SER A 62 -11.79 7.89 -0.15
CA SER A 62 -12.94 7.98 -1.10
C SER A 62 -13.80 6.69 -1.07
N ILE A 63 -13.81 5.99 0.08
CA ILE A 63 -14.64 4.76 0.24
C ILE A 63 -15.92 5.16 0.97
N VAL A 64 -17.09 4.88 0.36
CA VAL A 64 -18.40 5.02 1.04
C VAL A 64 -18.59 3.83 2.01
N MET A 65 -18.92 4.09 3.27
CA MET A 65 -18.96 3.02 4.29
C MET A 65 -20.12 2.11 3.90
N PRO A 66 -19.92 0.78 3.83
CA PRO A 66 -21.01 -0.14 3.49
C PRO A 66 -21.92 -0.50 4.65
N ALA A 67 -21.63 -0.07 5.86
CA ALA A 67 -22.43 -0.33 7.08
C ALA A 67 -22.35 0.94 7.93
N THR A 68 -23.33 1.16 8.79
CA THR A 68 -23.29 2.26 9.79
C THR A 68 -22.29 1.88 10.88
N LEU A 69 -21.82 2.89 11.62
CA LEU A 69 -20.94 2.64 12.79
C LEU A 69 -21.67 1.85 13.86
N ASP A 70 -22.95 2.13 14.07
CA ASP A 70 -23.77 1.36 15.00
C ASP A 70 -23.78 -0.10 14.57
N GLU A 71 -23.91 -0.41 13.27
CA GLU A 71 -23.97 -1.83 12.84
C GLU A 71 -22.59 -2.50 13.04
N MET A 72 -21.49 -1.79 12.75
CA MET A 72 -20.08 -2.25 12.99
C MET A 72 -19.92 -2.55 14.49
N ALA A 73 -20.46 -1.70 15.36
CA ALA A 73 -20.43 -1.89 16.84
C ALA A 73 -21.17 -3.17 17.23
N ARG A 74 -22.36 -3.35 16.68
CA ARG A 74 -23.23 -4.52 17.00
C ARG A 74 -22.50 -5.83 16.60
N ILE A 75 -21.88 -5.85 15.42
CA ILE A 75 -21.14 -7.04 14.91
C ILE A 75 -19.99 -7.30 15.88
N ILE A 76 -19.23 -6.28 16.21
CA ILE A 76 -18.04 -6.41 17.08
C ILE A 76 -18.48 -7.05 18.40
N ARG A 77 -19.52 -6.52 19.03
CA ARG A 77 -20.06 -6.98 20.31
C ARG A 77 -20.53 -8.42 20.18
N GLU A 78 -21.27 -8.77 19.11
CA GLU A 78 -21.80 -10.15 18.92
CA GLU A 78 -21.80 -10.15 18.92
C GLU A 78 -20.64 -11.14 18.76
N GLY A 79 -19.61 -10.79 17.99
CA GLY A 79 -18.46 -11.68 17.76
C GLY A 79 -17.64 -11.90 19.02
N ILE A 80 -17.45 -10.85 19.82
CA ILE A 80 -16.76 -10.94 21.14
C ILE A 80 -17.56 -11.90 22.07
N LYS A 81 -18.87 -11.74 22.15
CA LYS A 81 -19.76 -12.67 22.90
C LYS A 81 -19.54 -14.11 22.40
N LYS A 82 -19.48 -14.33 21.09
CA LYS A 82 -19.28 -15.70 20.54
C LYS A 82 -17.90 -16.25 20.94
N MET A 83 -16.88 -15.41 20.89
CA MET A 83 -15.50 -15.79 21.20
C MET A 83 -15.43 -16.26 22.67
N GLY A 84 -16.14 -15.56 23.56
CA GLY A 84 -16.16 -15.81 25.01
C GLY A 84 -14.77 -15.76 25.63
N CYS A 85 -13.84 -15.00 25.04
CA CYS A 85 -12.45 -14.82 25.53
C CYS A 85 -11.97 -13.42 25.13
N GLU A 86 -10.83 -12.99 25.67
CA GLU A 86 -10.21 -11.71 25.26
C GLU A 86 -9.83 -11.80 23.78
N THR A 87 -10.24 -10.81 23.02
CA THR A 87 -10.28 -10.87 21.53
C THR A 87 -9.55 -9.66 20.96
N MET A 88 -8.83 -9.87 19.86
CA MET A 88 -8.35 -8.78 18.97
CA MET A 88 -8.39 -8.75 18.99
C MET A 88 -9.25 -8.79 17.73
N VAL A 89 -9.87 -7.66 17.43
CA VAL A 89 -10.98 -7.54 16.47
C VAL A 89 -10.50 -6.63 15.36
N ARG A 90 -10.72 -7.01 14.11
CA ARG A 90 -10.31 -6.12 13.00
C ARG A 90 -11.43 -5.99 11.99
N PRO A 91 -12.21 -4.87 12.05
CA PRO A 91 -13.15 -4.53 10.98
C PRO A 91 -12.36 -3.99 9.79
N TYR A 92 -12.63 -4.56 8.64
CA TYR A 92 -12.06 -4.18 7.33
C TYR A 92 -13.17 -3.61 6.45
N ILE A 93 -12.86 -2.50 5.80
CA ILE A 93 -13.72 -1.92 4.72
C ILE A 93 -12.95 -1.99 3.40
N THR A 94 -13.49 -2.68 2.42
CA THR A 94 -12.84 -2.90 1.10
C THR A 94 -13.30 -1.81 0.11
N GLY A 95 -12.53 -1.65 -0.96
CA GLY A 95 -12.88 -0.77 -2.08
C GLY A 95 -14.05 -1.30 -2.86
N GLY A 96 -14.27 -2.62 -2.86
CA GLY A 96 -15.27 -3.24 -3.71
C GLY A 96 -14.81 -3.34 -5.16
N ASP A 97 -15.75 -3.63 -6.03
CA ASP A 97 -15.44 -3.99 -7.44
C ASP A 97 -15.17 -2.76 -8.28
N SER A 98 -15.52 -1.52 -7.91
CA SER A 98 -15.33 -0.38 -8.85
C SER A 98 -15.16 0.98 -8.19
N PHE A 99 -14.36 1.78 -8.86
CA PHE A 99 -14.20 3.22 -8.61
C PHE A 99 -15.13 3.91 -9.59
N GLY A 100 -16.14 4.58 -9.09
CA GLY A 100 -17.19 5.19 -9.93
C GLY A 100 -16.74 6.46 -10.62
N LYS A 101 -17.61 6.94 -11.50
CA LYS A 101 -17.45 8.19 -12.27
C LYS A 101 -17.45 9.39 -11.31
N ASP A 102 -18.02 9.23 -10.13
CA ASP A 102 -18.03 10.23 -9.03
C ASP A 102 -16.73 10.22 -8.21
N HIS A 103 -15.74 9.39 -8.54
CA HIS A 103 -14.42 9.27 -7.86
C HIS A 103 -14.64 8.74 -6.42
N LEU A 104 -15.63 7.86 -6.22
CA LEU A 104 -15.89 7.11 -4.96
C LEU A 104 -15.90 5.63 -5.22
N PHE A 105 -15.51 4.86 -4.19
CA PHE A 105 -15.74 3.40 -4.16
C PHE A 105 -17.09 3.21 -3.51
N SER A 106 -18.16 2.99 -4.28
CA SER A 106 -19.53 3.01 -3.69
C SER A 106 -20.11 1.61 -3.56
N SER A 107 -19.41 0.52 -3.90
CA SER A 107 -19.91 -0.86 -3.62
C SER A 107 -18.91 -1.56 -2.71
N SER A 108 -18.52 -0.88 -1.63
CA SER A 108 -17.53 -1.38 -0.64
C SER A 108 -18.07 -2.68 -0.02
N ARG A 109 -17.19 -3.61 0.30
CA ARG A 109 -17.53 -4.80 1.11
C ARG A 109 -16.98 -4.58 2.51
N TYR A 110 -17.45 -5.34 3.47
CA TYR A 110 -16.88 -5.27 4.82
C TYR A 110 -16.83 -6.65 5.44
N PHE A 111 -15.84 -6.83 6.32
CA PHE A 111 -15.74 -8.07 7.11
C PHE A 111 -15.11 -7.68 8.42
N VAL A 112 -15.34 -8.53 9.41
CA VAL A 112 -14.76 -8.37 10.77
C VAL A 112 -14.10 -9.68 11.20
N ILE A 113 -12.80 -9.57 11.48
CA ILE A 113 -11.98 -10.70 11.96
C ILE A 113 -12.00 -10.63 13.50
N PHE A 114 -12.20 -11.78 14.14
CA PHE A 114 -12.05 -12.02 15.59
C PHE A 114 -11.01 -13.10 15.84
N GLU A 115 -9.94 -12.73 16.52
CA GLU A 115 -8.91 -13.67 16.98
C GLU A 115 -8.78 -13.61 18.50
N GLU A 116 -8.51 -14.78 19.10
CA GLU A 116 -8.01 -14.87 20.50
C GLU A 116 -6.81 -13.91 20.60
N ILE A 117 -6.87 -13.02 21.56
CA ILE A 117 -5.84 -11.95 21.67
C ILE A 117 -4.46 -12.57 21.93
N ARG A 118 -3.42 -12.01 21.33
CA ARG A 118 -2.00 -12.46 21.44
C ARG A 118 -1.24 -11.27 22.02
N LYS A 119 -1.27 -11.15 23.35
CA LYS A 119 -0.54 -10.10 24.10
C LYS A 119 0.95 -10.38 23.97
N PRO A 120 1.83 -9.37 23.96
CA PRO A 120 3.27 -9.61 24.03
C PRO A 120 3.60 -10.46 25.25
N ASP A 121 4.54 -11.39 25.13
CA ASP A 121 5.02 -12.18 26.30
C ASP A 121 5.35 -11.27 27.48
N PRO A 122 4.98 -11.66 28.72
CA PRO A 122 5.36 -10.91 29.91
C PRO A 122 6.83 -10.49 29.95
N ILE A 123 7.73 -11.34 29.44
CA ILE A 123 9.20 -11.10 29.48
C ILE A 123 9.56 -9.80 28.75
N LEU A 124 8.84 -9.46 27.67
CA LEU A 124 9.11 -8.25 26.89
C LEU A 124 8.82 -7.02 27.73
N TYR A 125 7.84 -7.06 28.64
CA TYR A 125 7.58 -5.89 29.52
C TYR A 125 8.70 -5.76 30.56
N GLU A 126 9.23 -6.89 31.03
CA GLU A 126 10.32 -6.85 32.03
C GLU A 126 11.65 -6.41 31.39
N LYS A 127 11.99 -6.98 30.23
CA LYS A 127 13.27 -6.74 29.51
C LYS A 127 13.22 -5.40 28.75
N GLY A 128 12.07 -5.12 28.14
CA GLY A 128 11.96 -4.12 27.07
C GLY A 128 12.44 -4.68 25.75
N VAL A 129 12.10 -3.98 24.65
CA VAL A 129 12.28 -4.48 23.27
C VAL A 129 13.28 -3.59 22.52
N ALA A 130 13.78 -4.11 21.42
CA ALA A 130 14.69 -3.40 20.51
C ALA A 130 13.89 -3.05 19.25
N LEU A 131 14.03 -1.83 18.75
CA LEU A 131 13.45 -1.36 17.48
C LEU A 131 14.55 -1.22 16.44
N HIS A 132 14.19 -1.49 15.20
CA HIS A 132 15.05 -1.32 14.01
C HIS A 132 14.62 -0.06 13.25
N PRO A 133 15.43 1.03 13.26
CA PRO A 133 15.06 2.23 12.52
C PRO A 133 15.31 2.02 11.04
N ILE A 134 14.39 2.51 10.21
CA ILE A 134 14.55 2.61 8.73
C ILE A 134 14.21 4.04 8.27
N ASN A 135 14.77 4.38 7.13
CA ASN A 135 14.65 5.72 6.50
C ASN A 135 13.42 5.66 5.59
N ALA A 136 12.23 5.68 6.16
CA ALA A 136 10.94 5.52 5.47
C ALA A 136 9.82 5.94 6.41
N GLU A 137 8.63 6.07 5.87
CA GLU A 137 7.47 6.67 6.56
CA GLU A 137 7.48 6.73 6.50
C GLU A 137 6.20 6.16 5.89
N ARG A 138 5.08 6.21 6.59
CA ARG A 138 3.77 5.89 5.98
C ARG A 138 3.27 7.18 5.28
N TYR A 139 2.80 7.09 4.04
CA TYR A 139 2.11 8.21 3.35
C TYR A 139 0.69 8.33 3.94
N LEU A 140 0.18 9.57 4.02
CA LEU A 140 -1.20 9.93 4.49
C LEU A 140 -1.39 9.22 5.83
N PRO A 141 -0.52 9.51 6.83
CA PRO A 141 -0.39 8.65 8.00
C PRO A 141 -1.60 8.75 8.95
N SER A 142 -2.50 9.73 8.77
CA SER A 142 -3.82 9.78 9.45
C SER A 142 -4.70 8.59 9.05
N THR A 143 -4.55 8.08 7.83
CA THR A 143 -5.39 6.98 7.29
C THR A 143 -4.74 5.66 7.65
N LYS A 144 -5.51 4.74 8.21
CA LYS A 144 -5.03 3.36 8.47
CA LYS A 144 -5.03 3.36 8.46
C LYS A 144 -5.59 2.50 7.34
N SER A 145 -4.87 2.51 6.20
CA SER A 145 -5.13 1.57 5.09
C SER A 145 -4.54 0.19 5.42
N ILE A 146 -4.81 -0.75 4.55
CA ILE A 146 -4.36 -2.16 4.69
C ILE A 146 -2.94 -2.28 4.23
N ASN A 147 -2.32 -1.24 3.62
CA ASN A 147 -0.94 -1.36 3.09
C ASN A 147 0.04 -1.35 4.29
N TYR A 148 0.49 -2.53 4.66
CA TYR A 148 1.50 -2.75 5.73
C TYR A 148 2.73 -3.45 5.15
N MET A 149 2.89 -3.43 3.84
CA MET A 149 4.01 -4.11 3.13
CA MET A 149 4.00 -4.10 3.12
C MET A 149 5.36 -3.69 3.75
N LEU A 150 5.59 -2.39 3.89
CA LEU A 150 6.82 -1.82 4.54
C LEU A 150 7.10 -2.45 5.92
N SER A 151 6.07 -2.75 6.73
CA SER A 151 6.24 -3.33 8.08
C SER A 151 6.96 -4.70 8.02
N PHE A 152 6.84 -5.41 6.87
CA PHE A 152 7.47 -6.72 6.60
C PHE A 152 8.78 -6.55 5.83
N THR A 153 8.83 -5.76 4.75
CA THR A 153 10.07 -5.55 3.95
C THR A 153 11.12 -4.81 4.79
N GLY A 154 10.71 -3.91 5.69
CA GLY A 154 11.61 -3.30 6.69
C GLY A 154 12.30 -4.30 7.61
N GLN A 155 11.76 -5.52 7.77
CA GLN A 155 12.34 -6.60 8.60
C GLN A 155 13.46 -7.38 7.89
N ARG A 156 13.69 -7.10 6.60
CA ARG A 156 14.67 -7.85 5.76
C ARG A 156 16.02 -7.91 6.51
N ASP A 157 16.52 -6.76 6.96
CA ASP A 157 17.79 -6.66 7.74
C ASP A 157 17.54 -6.09 9.15
N SER A 158 16.35 -6.30 9.77
CA SER A 158 16.10 -5.88 11.18
C SER A 158 16.75 -6.85 12.18
N LYS A 159 17.25 -8.00 11.73
CA LYS A 159 17.93 -9.04 12.57
C LYS A 159 17.15 -9.23 13.88
N GLY A 160 15.85 -9.49 13.77
CA GLY A 160 15.03 -10.01 14.87
C GLY A 160 14.58 -8.94 15.85
N ALA A 161 14.64 -7.66 15.48
CA ALA A 161 14.15 -6.53 16.34
C ALA A 161 12.67 -6.74 16.57
N TYR A 162 12.11 -6.30 17.71
CA TYR A 162 10.67 -6.50 18.04
C TYR A 162 9.85 -5.87 16.90
N GLU A 163 10.20 -4.63 16.53
CA GLU A 163 9.37 -3.86 15.58
C GLU A 163 10.29 -2.92 14.78
N ILE A 164 9.78 -2.47 13.65
CA ILE A 164 10.36 -1.42 12.80
C ILE A 164 9.94 -0.04 13.35
N LEU A 165 10.87 0.92 13.34
CA LEU A 165 10.63 2.34 13.69
C LEU A 165 10.85 3.18 12.44
N TYR A 166 9.83 3.93 12.05
CA TYR A 166 9.88 4.82 10.88
C TYR A 166 10.65 6.09 11.27
N CYS A 167 11.87 6.22 10.76
CA CYS A 167 12.77 7.36 11.08
C CYS A 167 13.18 8.11 9.82
N PRO A 168 12.22 8.72 9.08
CA PRO A 168 12.57 9.38 7.83
C PRO A 168 13.53 10.54 8.15
N GLU A 169 14.71 10.48 7.50
CA GLU A 169 15.82 11.48 7.57
C GLU A 169 16.18 11.75 9.02
N GLY A 170 16.20 10.71 9.88
CA GLY A 170 16.63 10.83 11.29
C GLY A 170 15.56 11.35 12.22
N GLU A 171 14.34 11.62 11.78
CA GLU A 171 13.22 12.08 12.64
C GLU A 171 12.39 10.85 12.98
N ILE A 172 12.27 10.52 14.26
CA ILE A 172 11.43 9.33 14.64
C ILE A 172 9.95 9.69 14.49
N VAL A 173 9.17 8.92 13.74
CA VAL A 173 7.74 9.24 13.58
C VAL A 173 6.91 8.27 14.43
N GLU A 174 6.95 6.98 14.09
CA GLU A 174 6.13 5.94 14.78
C GLU A 174 6.73 4.58 14.44
N GLY A 175 6.24 3.57 15.16
CA GLY A 175 6.49 2.16 14.86
C GLY A 175 5.64 1.69 13.73
N SER A 176 5.95 0.53 13.13
CA SER A 176 5.08 -0.15 12.11
C SER A 176 3.69 -0.54 12.70
N HIS A 177 3.58 -0.77 14.00
CA HIS A 177 2.31 -1.14 14.69
C HIS A 177 2.09 -0.34 15.96
N SER A 178 2.74 0.82 16.09
CA SER A 178 2.87 1.49 17.39
C SER A 178 3.06 3.00 17.26
N THR A 179 2.56 3.72 18.26
CA THR A 179 2.98 5.13 18.55
C THR A 179 4.30 5.09 19.32
N PHE A 180 5.22 6.03 19.08
CA PHE A 180 6.54 6.01 19.78
C PHE A 180 6.64 7.22 20.69
N PHE A 181 7.15 7.01 21.90
CA PHE A 181 7.35 8.02 22.96
C PHE A 181 8.79 7.96 23.44
N LEU A 182 9.46 9.12 23.43
CA LEU A 182 10.74 9.32 24.13
C LEU A 182 10.49 10.01 25.47
N ILE A 183 11.30 9.67 26.45
CA ILE A 183 11.30 10.34 27.78
C ILE A 183 12.67 11.00 27.95
N LYS A 184 12.65 12.30 28.22
CA LYS A 184 13.86 13.14 28.33
C LYS A 184 13.58 14.13 29.44
N ASN A 185 14.34 14.09 30.54
CA ASN A 185 14.24 15.07 31.64
C ASN A 185 12.81 15.00 32.20
N GLY A 186 12.22 13.79 32.29
CA GLY A 186 10.86 13.55 32.84
C GLY A 186 9.70 14.08 31.98
N HIS A 187 9.94 14.51 30.73
CA HIS A 187 8.82 14.91 29.84
C HIS A 187 8.74 13.92 28.67
N LEU A 188 7.55 13.79 28.12
CA LEU A 188 7.23 12.88 27.00
C LEU A 188 7.48 13.69 25.73
N ILE A 189 8.13 13.07 24.73
CA ILE A 189 8.24 13.62 23.36
C ILE A 189 7.63 12.62 22.39
N THR A 190 6.71 13.04 21.54
CA THR A 190 6.05 12.12 20.58
C THR A 190 5.65 12.92 19.34
N ALA A 191 5.74 12.27 18.19
CA ALA A 191 5.54 12.90 16.87
C ALA A 191 4.12 13.45 16.85
N PRO A 192 3.90 14.57 16.15
CA PRO A 192 2.54 15.10 16.01
C PRO A 192 1.70 14.21 15.07
N THR A 193 0.39 14.43 15.12
CA THR A 193 -0.63 13.68 14.34
C THR A 193 -0.56 14.06 12.85
N SER A 194 0.12 15.15 12.47
CA SER A 194 0.44 15.44 11.05
C SER A 194 1.40 14.38 10.51
N ARG A 195 2.16 13.68 11.37
CA ARG A 195 3.22 12.74 10.93
C ARG A 195 2.83 11.29 11.21
N ALA A 196 2.20 11.02 12.35
CA ALA A 196 1.92 9.64 12.86
C ALA A 196 0.41 9.42 12.92
N LEU A 197 -0.01 8.16 12.88
CA LEU A 197 -1.40 7.75 13.14
C LEU A 197 -1.83 8.30 14.52
N SER A 198 -3.06 8.79 14.61
CA SER A 198 -3.60 9.34 15.87
C SER A 198 -4.00 8.14 16.74
N GLY A 199 -3.01 7.52 17.39
CA GLY A 199 -3.23 6.29 18.16
C GLY A 199 -4.27 6.51 19.25
N THR A 200 -5.16 5.53 19.44
CA THR A 200 -6.10 5.48 20.59
C THR A 200 -5.30 5.38 21.88
N THR A 201 -4.26 4.55 21.91
CA THR A 201 -3.42 4.33 23.11
C THR A 201 -2.68 5.66 23.42
N ARG A 202 -2.09 6.27 22.40
CA ARG A 202 -1.47 7.61 22.39
C ARG A 202 -2.42 8.63 23.05
N GLN A 203 -3.69 8.68 22.63
CA GLN A 203 -4.68 9.68 23.10
C GLN A 203 -4.91 9.40 24.60
N ILE A 204 -4.98 8.13 25.01
CA ILE A 204 -5.09 7.81 26.47
C ILE A 204 -3.80 8.26 27.19
N VAL A 205 -2.65 7.99 26.62
CA VAL A 205 -1.37 8.31 27.34
C VAL A 205 -1.23 9.85 27.52
N LEU A 206 -1.68 10.66 26.58
CA LEU A 206 -1.59 12.15 26.69
C LEU A 206 -2.52 12.56 27.85
N GLU A 207 -3.68 11.93 27.94
CA GLU A 207 -4.67 12.19 29.01
C GLU A 207 -4.08 11.79 30.37
N LEU A 208 -3.41 10.63 30.46
CA LEU A 208 -2.70 10.18 31.69
C LEU A 208 -1.58 11.17 32.04
N ALA A 209 -0.87 11.70 31.05
CA ALA A 209 0.19 12.72 31.24
C ALA A 209 -0.44 14.00 31.84
N ARG A 210 -1.56 14.44 31.26
CA ARG A 210 -2.31 15.63 31.76
C ARG A 210 -2.68 15.40 33.25
N ARG A 211 -3.23 14.21 33.57
CA ARG A 211 -3.67 13.88 34.94
C ARG A 211 -2.48 13.86 35.91
N GLY A 212 -1.30 13.46 35.46
CA GLY A 212 -0.07 13.34 36.28
C GLY A 212 0.82 14.56 36.25
N ASN A 213 0.38 15.65 35.60
CA ASN A 213 1.14 16.90 35.32
C ASN A 213 2.49 16.53 34.67
N ILE A 214 2.50 15.60 33.70
CA ILE A 214 3.73 15.26 32.90
C ILE A 214 3.63 16.09 31.61
N GLN A 215 4.66 16.89 31.32
CA GLN A 215 4.73 17.71 30.09
C GLN A 215 4.87 16.77 28.88
N VAL A 216 4.18 17.10 27.81
CA VAL A 216 4.27 16.39 26.52
C VAL A 216 4.69 17.43 25.48
N GLU A 217 5.79 17.18 24.75
CA GLU A 217 6.19 17.96 23.53
C GLU A 217 5.75 17.15 22.32
N GLU A 218 4.88 17.71 21.49
CA GLU A 218 4.44 17.00 20.28
C GLU A 218 5.33 17.39 19.11
N ARG A 219 6.55 16.85 19.06
CA ARG A 219 7.49 16.93 17.92
C ARG A 219 8.15 15.56 17.76
N CYS A 220 8.63 15.26 16.58
CA CYS A 220 9.37 14.04 16.30
C CYS A 220 10.59 14.03 17.21
N PRO A 221 10.80 12.97 18.04
CA PRO A 221 12.10 12.74 18.63
C PRO A 221 13.12 12.48 17.49
N LEU A 222 14.39 12.71 17.76
CA LEU A 222 15.48 12.49 16.78
C LEU A 222 16.31 11.28 17.19
N LEU A 223 16.75 10.49 16.22
CA LEU A 223 17.81 9.46 16.46
C LEU A 223 19.02 10.08 17.18
N THR A 224 19.43 11.28 16.79
CA THR A 224 20.63 11.92 17.40
C THR A 224 20.44 12.27 18.89
N GLU A 225 19.22 12.36 19.44
CA GLU A 225 19.00 12.73 20.86
C GLU A 225 18.83 11.47 21.73
N LEU A 226 18.86 10.28 21.14
CA LEU A 226 18.68 9.03 21.94
C LEU A 226 19.76 8.87 23.01
N PRO A 227 21.03 9.26 22.81
CA PRO A 227 22.00 9.18 23.91
C PRO A 227 21.62 10.01 25.15
N GLU A 228 20.84 11.08 24.99
CA GLU A 228 20.38 11.98 26.09
C GLU A 228 19.03 11.49 26.66
N ALA A 229 18.47 10.41 26.14
CA ALA A 229 17.12 9.95 26.54
C ALA A 229 17.26 9.14 27.82
N GLU A 230 16.26 9.23 28.69
CA GLU A 230 16.17 8.40 29.94
C GLU A 230 15.43 7.09 29.60
N GLU A 231 14.34 7.17 28.83
CA GLU A 231 13.47 5.99 28.59
C GLU A 231 12.80 6.18 27.23
N ALA A 232 12.09 5.14 26.82
CA ALA A 232 11.34 5.10 25.57
C ALA A 232 10.31 3.98 25.68
N PHE A 233 9.18 4.16 25.01
CA PHE A 233 8.15 3.11 24.95
C PHE A 233 7.35 3.28 23.68
N ILE A 234 6.69 2.19 23.30
CA ILE A 234 5.77 2.11 22.14
C ILE A 234 4.41 1.76 22.67
N THR A 235 3.38 2.31 22.04
CA THR A 235 1.99 2.14 22.49
C THR A 235 1.18 1.54 21.35
N GLY A 236 0.22 0.71 21.72
CA GLY A 236 -0.87 0.38 20.84
C GLY A 236 -1.93 -0.50 21.47
N THR A 237 -2.99 -0.71 20.70
N THR A 237 -3.01 -0.72 20.73
CA THR A 237 -4.02 -1.74 20.94
CA THR A 237 -4.27 -1.38 21.16
C THR A 237 -3.25 -3.05 20.98
C THR A 237 -3.96 -2.63 22.00
N VAL A 238 -3.62 -3.94 21.90
N VAL A 238 -3.13 -3.52 21.45
CA VAL A 238 -2.92 -5.24 22.13
CA VAL A 238 -2.93 -4.89 22.02
C VAL A 238 -1.67 -5.01 22.99
C VAL A 238 -1.72 -4.91 22.96
N LYS A 239 -0.62 -4.34 22.48
CA LYS A 239 0.65 -4.26 23.26
C LYS A 239 0.59 -3.34 24.48
N GLU A 240 -0.39 -2.44 24.59
CA GLU A 240 -0.50 -1.49 25.73
C GLU A 240 0.69 -0.48 25.71
N LEU A 241 1.47 -0.36 26.77
CA LEU A 241 2.74 0.40 26.77
C LEU A 241 3.83 -0.64 26.89
N LEU A 242 4.74 -0.63 25.93
CA LEU A 242 5.85 -1.62 25.85
C LEU A 242 7.17 -0.86 25.90
N PRO A 243 8.02 -1.10 26.94
CA PRO A 243 9.28 -0.39 27.09
C PRO A 243 10.20 -0.69 25.90
N VAL A 244 10.93 0.32 25.45
CA VAL A 244 11.96 0.26 24.39
C VAL A 244 13.30 0.59 25.05
N VAL A 245 14.24 -0.35 25.01
CA VAL A 245 15.55 -0.26 25.72
C VAL A 245 16.68 -0.19 24.70
N ARG A 246 16.40 -0.36 23.42
CA ARG A 246 17.40 -0.31 22.35
C ARG A 246 16.75 0.18 21.03
N ILE A 247 17.40 1.10 20.34
CA ILE A 247 17.00 1.54 18.97
C ILE A 247 18.26 1.53 18.09
N GLY A 248 18.27 0.71 17.03
CA GLY A 248 19.49 0.34 16.24
C GLY A 248 20.60 -0.10 17.17
N ASP A 249 21.76 0.60 17.19
CA ASP A 249 22.94 0.24 18.04
C ASP A 249 22.97 1.05 19.34
N GLN A 250 21.89 1.76 19.68
CA GLN A 250 21.82 2.77 20.76
C GLN A 250 21.00 2.19 21.93
N ILE A 251 21.61 1.99 23.08
CA ILE A 251 20.86 1.63 24.33
C ILE A 251 20.16 2.89 24.88
N ILE A 252 18.92 2.72 25.34
CA ILE A 252 18.10 3.81 25.91
C ILE A 252 18.37 3.87 27.40
N GLY A 253 18.91 5.00 27.88
CA GLY A 253 19.24 5.21 29.32
C GLY A 253 20.08 4.06 29.87
N ASN A 254 19.60 3.38 30.90
CA ASN A 254 20.34 2.25 31.52
C ASN A 254 19.96 0.92 30.86
N GLY A 255 19.14 0.86 29.81
CA GLY A 255 18.88 -0.37 29.02
C GLY A 255 17.88 -1.34 29.63
N VAL A 256 17.17 -0.91 30.69
CA VAL A 256 16.03 -1.62 31.30
C VAL A 256 14.83 -0.68 31.28
N PRO A 257 13.60 -1.22 31.35
CA PRO A 257 12.39 -0.37 31.40
C PRO A 257 12.47 0.68 32.51
N GLY A 258 12.08 1.91 32.20
CA GLY A 258 12.28 3.06 33.12
C GLY A 258 11.12 3.28 34.08
N LYS A 259 11.32 4.09 35.12
CA LYS A 259 10.31 4.37 36.19
C LYS A 259 9.05 5.01 35.62
N LEU A 260 9.18 6.00 34.71
CA LEU A 260 8.02 6.76 34.22
C LEU A 260 7.24 5.86 33.25
N THR A 261 7.92 5.07 32.41
CA THR A 261 7.23 4.03 31.56
C THR A 261 6.38 3.12 32.45
N LYS A 262 7.00 2.52 33.48
CA LYS A 262 6.33 1.51 34.33
C LYS A 262 5.15 2.17 35.02
N HIS A 263 5.32 3.43 35.44
CA HIS A 263 4.27 4.22 36.12
C HIS A 263 3.09 4.43 35.16
N LEU A 264 3.35 4.90 33.95
CA LEU A 264 2.28 5.17 32.97
C LEU A 264 1.54 3.88 32.61
N HIS A 265 2.26 2.76 32.47
CA HIS A 265 1.65 1.46 32.15
C HIS A 265 0.75 1.06 33.33
N GLN A 266 1.21 1.18 34.59
CA GLN A 266 0.39 0.80 35.76
C GLN A 266 -0.91 1.66 35.79
N VAL A 267 -0.78 2.99 35.69
CA VAL A 267 -1.96 3.90 35.72
C VAL A 267 -2.90 3.52 34.55
N TYR A 268 -2.37 3.24 33.37
CA TYR A 268 -3.16 2.85 32.19
C TYR A 268 -4.01 1.62 32.53
N LEU A 269 -3.39 0.59 33.05
CA LEU A 269 -4.09 -0.68 33.41
C LEU A 269 -5.03 -0.45 34.58
N SER A 270 -4.70 0.42 35.54
CA SER A 270 -5.58 0.70 36.73
C SER A 270 -6.81 1.45 36.22
N SER A 271 -6.68 2.31 35.19
CA SER A 271 -7.73 3.26 34.71
C SER A 271 -8.53 2.70 33.53
N ILE A 272 -8.18 1.52 33.00
CA ILE A 272 -8.52 1.12 31.61
C ILE A 272 -10.03 1.03 31.43
N VAL A 273 -10.81 0.63 32.46
CA VAL A 273 -12.29 0.45 32.35
C VAL A 273 -12.96 1.76 31.88
N GLU A 274 -12.43 2.92 32.22
CA GLU A 274 -12.94 4.21 31.77
C GLU A 274 -13.12 4.21 30.25
N TRP A 275 -12.25 3.52 29.49
CA TRP A 275 -12.30 3.61 28.01
C TRP A 275 -12.91 2.36 27.39
N LEU A 276 -13.40 1.43 28.21
CA LEU A 276 -14.11 0.23 27.68
C LEU A 276 -15.53 0.59 27.35
N GLU A 277 -16.11 -0.14 26.40
CA GLU A 277 -17.49 0.07 25.93
C GLU A 277 -18.12 -1.31 25.89
N HIS B 2 -17.98 -9.10 -22.23
CA HIS B 2 -17.05 -10.24 -22.62
C HIS B 2 -16.77 -11.17 -21.43
N MET B 3 -16.57 -12.44 -21.73
CA MET B 3 -16.02 -13.46 -20.80
C MET B 3 -14.69 -12.93 -20.23
N ASN B 4 -14.57 -13.00 -18.92
CA ASN B 4 -13.36 -12.64 -18.15
C ASN B 4 -12.97 -13.84 -17.33
N LEU B 5 -11.67 -14.11 -17.20
CA LEU B 5 -11.20 -15.33 -16.48
C LEU B 5 -10.38 -14.98 -15.26
N CYS B 6 -10.38 -15.91 -14.30
CA CYS B 6 -9.36 -15.91 -13.25
C CYS B 6 -8.83 -17.33 -13.19
N TYR B 7 -7.54 -17.48 -13.46
CA TYR B 7 -6.87 -18.76 -13.19
C TYR B 7 -6.52 -18.75 -11.71
N ILE B 8 -7.03 -19.73 -10.98
CA ILE B 8 -6.72 -19.87 -9.53
C ILE B 8 -6.89 -21.32 -9.14
N ASP B 9 -6.00 -21.83 -8.32
CA ASP B 9 -6.12 -23.22 -7.81
C ASP B 9 -6.30 -24.26 -8.91
N GLY B 10 -5.50 -24.20 -9.97
CA GLY B 10 -5.49 -25.23 -11.01
C GLY B 10 -6.58 -25.07 -12.05
N LYS B 11 -7.46 -24.05 -12.00
CA LYS B 11 -8.62 -23.95 -12.92
C LYS B 11 -8.78 -22.54 -13.48
N PHE B 12 -9.24 -22.42 -14.73
CA PHE B 12 -9.67 -21.14 -15.35
C PHE B 12 -11.16 -20.89 -15.02
N LEU B 13 -11.41 -20.11 -13.98
CA LEU B 13 -12.76 -19.81 -13.48
C LEU B 13 -13.24 -18.59 -14.25
N PRO B 14 -14.59 -18.44 -14.42
CA PRO B 14 -15.19 -17.14 -14.65
C PRO B 14 -14.69 -16.17 -13.58
N LEU B 15 -14.27 -14.98 -13.96
CA LEU B 15 -13.64 -14.02 -13.00
C LEU B 15 -14.59 -13.78 -11.82
N GLU B 16 -15.90 -13.69 -12.07
CA GLU B 16 -16.92 -13.39 -11.00
C GLU B 16 -17.00 -14.51 -9.96
N GLU B 17 -16.57 -15.73 -10.26
CA GLU B 17 -16.57 -16.86 -9.32
C GLU B 17 -15.30 -16.93 -8.49
N ALA B 18 -14.23 -16.25 -8.84
CA ALA B 18 -12.92 -16.51 -8.21
C ALA B 18 -12.87 -15.79 -6.85
N LYS B 19 -12.34 -16.48 -5.85
CA LYS B 19 -12.34 -15.94 -4.48
C LYS B 19 -11.04 -16.36 -3.79
N LEU B 20 -10.64 -15.52 -2.83
CA LEU B 20 -9.38 -15.65 -2.11
C LEU B 20 -9.68 -15.68 -0.62
N PRO B 21 -9.01 -16.55 0.15
CA PRO B 21 -9.20 -16.64 1.59
C PRO B 21 -8.84 -15.31 2.28
N VAL B 22 -9.65 -14.96 3.27
CA VAL B 22 -9.50 -13.66 3.98
C VAL B 22 -8.25 -13.76 4.88
N THR B 23 -7.80 -14.97 5.20
CA THR B 23 -6.46 -15.18 5.84
C THR B 23 -5.29 -14.58 5.04
N ASP B 24 -5.40 -14.41 3.72
CA ASP B 24 -4.25 -14.05 2.89
C ASP B 24 -3.80 -12.63 3.28
N LEU B 25 -2.51 -12.46 3.54
CA LEU B 25 -1.95 -11.15 3.90
C LEU B 25 -2.03 -10.18 2.74
N ILE B 26 -2.38 -10.58 1.51
CA ILE B 26 -2.73 -9.56 0.47
C ILE B 26 -3.92 -8.76 0.99
N ILE B 27 -4.92 -9.41 1.57
CA ILE B 27 -6.18 -8.76 2.03
C ILE B 27 -5.85 -8.00 3.31
N GLN B 28 -5.18 -8.66 4.26
CA GLN B 28 -5.10 -8.15 5.65
C GLN B 28 -4.09 -7.00 5.75
N ARG B 29 -3.01 -7.06 4.95
CA ARG B 29 -1.81 -6.20 5.14
C ARG B 29 -1.23 -5.75 3.79
N GLY B 30 -1.97 -5.81 2.70
CA GLY B 30 -1.52 -5.37 1.35
C GLY B 30 -0.24 -6.06 0.83
N VAL B 31 0.05 -7.27 1.26
CA VAL B 31 1.25 -8.02 0.82
C VAL B 31 0.89 -8.75 -0.48
N GLY B 32 1.30 -8.17 -1.60
CA GLY B 32 1.06 -8.71 -2.93
C GLY B 32 1.86 -7.96 -3.95
N VAL B 33 2.21 -8.65 -5.01
CA VAL B 33 2.85 -7.99 -6.18
C VAL B 33 2.11 -8.51 -7.42
N PHE B 34 2.19 -7.80 -8.51
CA PHE B 34 1.49 -8.17 -9.76
C PHE B 34 2.22 -7.53 -10.95
N GLU B 35 1.82 -7.98 -12.14
CA GLU B 35 2.16 -7.35 -13.44
C GLU B 35 0.89 -7.19 -14.28
N THR B 36 0.95 -6.28 -15.23
CA THR B 36 -0.02 -6.08 -16.30
C THR B 36 0.68 -6.40 -17.62
N ILE B 37 0.11 -7.36 -18.35
CA ILE B 37 0.64 -7.84 -19.66
C ILE B 37 -0.48 -7.63 -20.70
N SER B 38 -0.13 -7.10 -21.86
CA SER B 38 -1.11 -6.83 -22.91
C SER B 38 -0.78 -7.78 -24.05
N THR B 39 -1.74 -7.93 -24.98
CA THR B 39 -1.47 -8.67 -26.25
C THR B 39 -1.62 -7.77 -27.46
N HIS B 40 -0.87 -8.11 -28.50
CA HIS B 40 -1.03 -7.69 -29.90
C HIS B 40 -1.10 -9.00 -30.71
N SER B 41 -2.06 -9.15 -31.60
CA SER B 41 -2.27 -10.40 -32.40
C SER B 41 -2.43 -11.62 -31.48
N ARG B 42 -3.08 -11.43 -30.32
CA ARG B 42 -3.31 -12.45 -29.29
C ARG B 42 -1.98 -13.09 -28.85
N ARG B 43 -0.89 -12.31 -28.84
CA ARG B 43 0.42 -12.74 -28.33
C ARG B 43 0.86 -11.78 -27.25
N PRO B 44 1.42 -12.29 -26.12
CA PRO B 44 1.77 -11.44 -24.98
C PRO B 44 3.01 -10.59 -25.26
N LEU B 45 2.87 -9.26 -25.00
CA LEU B 45 3.95 -8.28 -25.22
C LEU B 45 4.90 -8.30 -24.01
N MET B 46 6.18 -8.49 -24.29
CA MET B 46 7.25 -8.42 -23.27
C MET B 46 6.94 -9.41 -22.16
N LEU B 47 6.51 -10.62 -22.49
CA LEU B 47 6.08 -11.63 -21.52
C LEU B 47 7.25 -11.91 -20.55
N THR B 48 8.44 -12.19 -21.06
CA THR B 48 9.56 -12.64 -20.20
C THR B 48 9.98 -11.44 -19.34
N PRO B 49 10.18 -10.22 -19.91
CA PRO B 49 10.51 -9.04 -19.10
C PRO B 49 9.48 -8.76 -17.99
N HIS B 50 8.18 -8.96 -18.25
CA HIS B 50 7.14 -8.77 -17.19
C HIS B 50 7.30 -9.86 -16.09
N LEU B 51 7.44 -11.12 -16.48
CA LEU B 51 7.57 -12.22 -15.49
C LEU B 51 8.89 -12.10 -14.69
N LYS B 52 9.97 -11.60 -15.30
CA LYS B 52 11.22 -11.30 -14.54
C LYS B 52 10.95 -10.14 -13.58
N ARG B 53 10.16 -9.15 -14.02
CA ARG B 53 9.85 -8.02 -13.12
C ARG B 53 8.95 -8.49 -11.96
N LEU B 54 8.02 -9.39 -12.22
CA LEU B 54 7.15 -10.00 -11.17
C LEU B 54 7.99 -10.73 -10.12
N GLU B 55 8.95 -11.53 -10.57
CA GLU B 55 9.83 -12.25 -9.63
C GLU B 55 10.65 -11.23 -8.85
N GLY B 56 11.17 -10.22 -9.53
CA GLY B 56 11.91 -9.09 -8.92
C GLY B 56 11.09 -8.43 -7.80
N SER B 57 9.83 -8.17 -8.07
CA SER B 57 8.90 -7.53 -7.09
C SER B 57 8.70 -8.47 -5.89
N ALA B 58 8.46 -9.76 -6.18
CA ALA B 58 8.20 -10.79 -5.16
C ALA B 58 9.44 -10.90 -4.26
N THR B 59 10.64 -11.03 -4.86
CA THR B 59 11.93 -11.14 -4.11
C THR B 59 12.17 -9.89 -3.25
N ALA B 60 11.96 -8.69 -3.79
CA ALA B 60 12.19 -7.41 -3.09
C ALA B 60 11.17 -7.30 -1.94
N SER B 61 10.03 -7.98 -2.02
CA SER B 61 8.94 -7.96 -0.99
C SER B 61 9.05 -9.14 -0.01
N SER B 62 10.13 -9.95 -0.07
CA SER B 62 10.33 -11.14 0.78
C SER B 62 9.27 -12.22 0.53
N ILE B 63 8.73 -12.28 -0.70
CA ILE B 63 7.74 -13.32 -1.09
C ILE B 63 8.47 -14.39 -1.89
N VAL B 64 8.36 -15.65 -1.48
CA VAL B 64 8.84 -16.83 -2.26
C VAL B 64 7.82 -17.11 -3.37
N MET B 65 8.27 -17.20 -4.62
CA MET B 65 7.37 -17.36 -5.77
C MET B 65 6.65 -18.69 -5.61
N PRO B 66 5.31 -18.74 -5.70
CA PRO B 66 4.59 -20.03 -5.57
C PRO B 66 4.50 -20.87 -6.85
N ALA B 67 4.99 -20.38 -7.95
CA ALA B 67 5.03 -21.05 -9.28
C ALA B 67 6.33 -20.65 -9.95
N THR B 68 6.82 -21.47 -10.86
CA THR B 68 7.97 -21.08 -11.73
C THR B 68 7.48 -20.04 -12.74
N LEU B 69 8.42 -19.28 -13.30
CA LEU B 69 8.11 -18.35 -14.42
C LEU B 69 7.61 -19.11 -15.64
N ASP B 70 8.19 -20.27 -15.95
CA ASP B 70 7.66 -21.11 -17.05
C ASP B 70 6.21 -21.44 -16.79
N GLU B 71 5.83 -21.79 -15.56
CA GLU B 71 4.40 -22.15 -15.29
C GLU B 71 3.50 -20.93 -15.45
N MET B 72 3.92 -19.75 -14.96
CA MET B 72 3.18 -18.46 -15.11
C MET B 72 3.00 -18.17 -16.61
N ALA B 73 4.02 -18.43 -17.42
CA ALA B 73 3.97 -18.24 -18.89
C ALA B 73 2.92 -19.19 -19.52
N ARG B 74 2.93 -20.46 -19.11
CA ARG B 74 2.00 -21.49 -19.64
C ARG B 74 0.54 -21.06 -19.33
N ILE B 75 0.29 -20.59 -18.11
CA ILE B 75 -1.07 -20.19 -17.67
C ILE B 75 -1.48 -18.99 -18.54
N ILE B 76 -0.62 -18.02 -18.66
CA ILE B 76 -0.93 -16.78 -19.42
C ILE B 76 -1.32 -17.17 -20.86
N ARG B 77 -0.50 -18.00 -21.51
CA ARG B 77 -0.75 -18.46 -22.89
C ARG B 77 -2.09 -19.19 -22.98
N GLU B 78 -2.38 -20.08 -22.04
CA GLU B 78 -3.63 -20.90 -22.07
C GLU B 78 -4.85 -19.99 -21.88
N GLY B 79 -4.79 -19.03 -20.98
CA GLY B 79 -5.93 -18.11 -20.72
C GLY B 79 -6.20 -17.21 -21.91
N ILE B 80 -5.17 -16.72 -22.58
CA ILE B 80 -5.27 -15.93 -23.84
C ILE B 80 -5.95 -16.77 -24.94
N LYS B 81 -5.55 -18.02 -25.11
CA LYS B 81 -6.19 -18.98 -26.04
CA LYS B 81 -6.20 -18.99 -26.04
C LYS B 81 -7.69 -19.07 -25.70
N LYS B 82 -8.03 -19.19 -24.42
CA LYS B 82 -9.44 -19.34 -23.99
C LYS B 82 -10.22 -18.06 -24.28
N MET B 83 -9.60 -16.91 -24.06
CA MET B 83 -10.20 -15.59 -24.24
C MET B 83 -10.57 -15.43 -25.72
N GLY B 84 -9.69 -15.86 -26.64
CA GLY B 84 -9.81 -15.71 -28.09
C GLY B 84 -9.98 -14.27 -28.53
N CYS B 85 -9.40 -13.31 -27.79
CA CYS B 85 -9.44 -11.87 -28.11
C CYS B 85 -8.15 -11.23 -27.58
N GLU B 86 -7.91 -9.97 -27.95
CA GLU B 86 -6.81 -9.17 -27.36
C GLU B 86 -7.12 -9.00 -25.88
N THR B 87 -6.15 -9.32 -25.05
CA THR B 87 -6.34 -9.57 -23.60
C THR B 87 -5.39 -8.66 -22.80
N MET B 88 -5.89 -8.16 -21.68
CA MET B 88 -5.07 -7.62 -20.56
CA MET B 88 -5.01 -7.64 -20.60
C MET B 88 -4.98 -8.70 -19.48
N VAL B 89 -3.76 -9.09 -19.12
CA VAL B 89 -3.49 -10.25 -18.25
C VAL B 89 -2.82 -9.73 -17.02
N ARG B 90 -3.29 -10.12 -15.84
CA ARG B 90 -2.62 -9.67 -14.59
C ARG B 90 -2.33 -10.85 -13.70
N PRO B 91 -1.07 -11.35 -13.68
CA PRO B 91 -0.64 -12.34 -12.71
C PRO B 91 -0.37 -11.61 -11.37
N TYR B 92 -0.98 -12.15 -10.31
CA TYR B 92 -0.88 -11.69 -8.92
C TYR B 92 -0.15 -12.76 -8.12
N ILE B 93 0.77 -12.31 -7.30
CA ILE B 93 1.45 -13.18 -6.28
C ILE B 93 1.11 -12.61 -4.90
N THR B 94 0.51 -13.40 -4.06
CA THR B 94 0.02 -12.94 -2.74
C THR B 94 1.07 -13.28 -1.65
N GLY B 95 0.93 -12.62 -0.52
CA GLY B 95 1.73 -12.92 0.70
C GLY B 95 1.39 -14.30 1.23
N GLY B 96 0.14 -14.73 1.06
CA GLY B 96 -0.39 -15.91 1.72
C GLY B 96 -0.67 -15.69 3.21
N ASP B 97 -0.80 -16.77 3.92
CA ASP B 97 -1.35 -16.72 5.31
C ASP B 97 -0.31 -16.32 6.35
N SER B 98 1.01 -16.39 6.10
CA SER B 98 1.98 -16.04 7.17
C SER B 98 3.33 -15.54 6.69
N PHE B 99 3.89 -14.70 7.55
CA PHE B 99 5.28 -14.24 7.47
C PHE B 99 6.04 -15.14 8.43
N GLY B 100 6.95 -15.94 7.91
CA GLY B 100 7.67 -16.95 8.71
C GLY B 100 8.72 -16.34 9.62
N LYS B 101 9.29 -17.18 10.48
CA LYS B 101 10.43 -16.85 11.39
C LYS B 101 11.67 -16.53 10.55
N ASP B 102 11.74 -17.05 9.33
CA ASP B 102 12.81 -16.72 8.34
C ASP B 102 12.63 -15.35 7.66
N HIS B 103 11.59 -14.57 7.99
CA HIS B 103 11.30 -13.23 7.42
C HIS B 103 10.96 -13.36 5.92
N LEU B 104 10.30 -14.46 5.51
CA LEU B 104 9.77 -14.69 4.14
C LEU B 104 8.29 -15.06 4.21
N PHE B 105 7.56 -14.69 3.16
CA PHE B 105 6.19 -15.18 2.91
C PHE B 105 6.37 -16.46 2.10
N SER B 106 6.23 -17.63 2.72
CA SER B 106 6.63 -18.93 2.09
C SER B 106 5.42 -19.71 1.63
N SER B 107 4.18 -19.29 1.92
CA SER B 107 2.96 -19.98 1.47
C SER B 107 2.15 -19.01 0.59
N SER B 108 2.84 -18.40 -0.36
CA SER B 108 2.25 -17.43 -1.30
C SER B 108 1.15 -18.13 -2.09
N ARG B 109 0.08 -17.41 -2.44
CA ARG B 109 -0.91 -17.88 -3.42
C ARG B 109 -0.65 -17.15 -4.73
N TYR B 110 -1.24 -17.66 -5.79
CA TYR B 110 -1.15 -16.92 -7.08
C TYR B 110 -2.43 -17.04 -7.85
N PHE B 111 -2.71 -16.00 -8.66
CA PHE B 111 -3.86 -16.07 -9.57
C PHE B 111 -3.53 -15.20 -10.76
N VAL B 112 -4.25 -15.44 -11.84
CA VAL B 112 -4.07 -14.69 -13.11
C VAL B 112 -5.45 -14.26 -13.61
N ILE B 113 -5.62 -12.93 -13.71
CA ILE B 113 -6.85 -12.30 -14.24
C ILE B 113 -6.63 -12.11 -15.76
N PHE B 114 -7.64 -12.46 -16.54
CA PHE B 114 -7.75 -12.21 -18.00
C PHE B 114 -9.01 -11.38 -18.29
N GLU B 115 -8.80 -10.22 -18.90
CA GLU B 115 -9.91 -9.35 -19.37
C GLU B 115 -9.69 -8.95 -20.82
N GLU B 116 -10.80 -8.77 -21.54
CA GLU B 116 -10.75 -8.17 -22.89
C GLU B 116 -10.03 -6.82 -22.73
N ILE B 117 -9.02 -6.60 -23.55
CA ILE B 117 -8.23 -5.35 -23.46
C ILE B 117 -9.12 -4.11 -23.72
N ARG B 118 -8.87 -3.06 -22.95
CA ARG B 118 -9.57 -1.76 -23.03
C ARG B 118 -8.48 -0.75 -23.38
N LYS B 119 -8.26 -0.55 -24.68
CA LYS B 119 -7.28 0.44 -25.17
C LYS B 119 -7.87 1.83 -24.89
N PRO B 120 -7.03 2.87 -24.66
CA PRO B 120 -7.54 4.23 -24.59
C PRO B 120 -8.28 4.56 -25.88
N ASP B 121 -9.35 5.33 -25.78
CA ASP B 121 -10.11 5.75 -26.97
C ASP B 121 -9.19 6.40 -28.00
N PRO B 122 -9.39 6.11 -29.30
CA PRO B 122 -8.65 6.79 -30.36
C PRO B 122 -8.55 8.32 -30.21
N ILE B 123 -9.61 8.97 -29.71
CA ILE B 123 -9.64 10.46 -29.60
C ILE B 123 -8.54 10.96 -28.67
N LEU B 124 -8.19 10.17 -27.64
CA LEU B 124 -7.14 10.55 -26.69
C LEU B 124 -5.78 10.60 -27.40
N TYR B 125 -5.53 9.76 -28.39
CA TYR B 125 -4.25 9.86 -29.15
C TYR B 125 -4.23 11.10 -30.04
N GLU B 126 -5.38 11.47 -30.59
CA GLU B 126 -5.47 12.66 -31.50
C GLU B 126 -5.39 13.96 -30.69
N LYS B 127 -6.11 14.02 -29.57
CA LYS B 127 -6.21 15.21 -28.67
C LYS B 127 -4.95 15.31 -27.79
N GLY B 128 -4.47 14.18 -27.29
CA GLY B 128 -3.62 14.12 -26.08
C GLY B 128 -4.41 14.31 -24.81
N VAL B 129 -3.81 14.00 -23.67
CA VAL B 129 -4.47 13.93 -22.34
C VAL B 129 -3.87 15.01 -21.44
N ALA B 130 -4.59 15.31 -20.36
CA ALA B 130 -4.15 16.22 -19.30
C ALA B 130 -3.79 15.36 -18.06
N LEU B 131 -2.67 15.67 -17.40
CA LEU B 131 -2.23 14.98 -16.16
C LEU B 131 -2.42 15.93 -15.00
N HIS B 132 -2.73 15.36 -13.84
CA HIS B 132 -2.87 16.11 -12.58
C HIS B 132 -1.62 15.88 -11.72
N PRO B 133 -0.77 16.89 -11.47
CA PRO B 133 0.42 16.70 -10.66
C PRO B 133 0.02 16.68 -9.19
N ILE B 134 0.58 15.75 -8.43
CA ILE B 134 0.50 15.77 -6.93
C ILE B 134 1.91 15.66 -6.33
N ASN B 135 2.02 16.21 -5.12
CA ASN B 135 3.28 16.23 -4.34
C ASN B 135 3.40 14.92 -3.55
N ALA B 136 3.72 13.83 -4.23
CA ALA B 136 3.76 12.46 -3.67
C ALA B 136 4.52 11.56 -4.65
N GLU B 137 4.86 10.35 -4.23
CA GLU B 137 5.62 9.41 -5.08
C GLU B 137 5.36 7.99 -4.61
N ARG B 138 5.72 6.99 -5.43
CA ARG B 138 5.65 5.56 -5.02
C ARG B 138 6.92 5.22 -4.20
N TYR B 139 6.77 4.57 -3.05
CA TYR B 139 7.88 4.02 -2.25
C TYR B 139 8.39 2.72 -2.91
N LEU B 140 9.70 2.48 -2.86
CA LEU B 140 10.35 1.25 -3.43
C LEU B 140 9.86 1.06 -4.86
N PRO B 141 10.11 2.07 -5.74
CA PRO B 141 9.34 2.18 -6.98
C PRO B 141 9.79 1.15 -8.03
N SER B 142 10.90 0.43 -7.82
CA SER B 142 11.27 -0.78 -8.61
C SER B 142 10.25 -1.92 -8.45
N THR B 143 9.60 -2.01 -7.31
CA THR B 143 8.63 -3.09 -6.96
C THR B 143 7.24 -2.63 -7.40
N LYS B 144 6.54 -3.47 -8.13
CA LYS B 144 5.12 -3.23 -8.51
CA LYS B 144 5.12 -3.23 -8.50
C LYS B 144 4.27 -4.05 -7.55
N SER B 145 4.02 -3.48 -6.34
CA SER B 145 3.06 -4.06 -5.38
C SER B 145 1.63 -3.72 -5.80
N ILE B 146 0.70 -4.28 -5.11
CA ILE B 146 -0.76 -4.09 -5.36
C ILE B 146 -1.22 -2.79 -4.76
N ASN B 147 -0.39 -2.07 -3.97
CA ASN B 147 -0.78 -0.80 -3.34
C ASN B 147 -0.85 0.29 -4.42
N TYR B 148 -2.07 0.54 -4.90
CA TYR B 148 -2.40 1.60 -5.86
C TYR B 148 -3.42 2.58 -5.25
N MET B 149 -3.57 2.59 -3.93
CA MET B 149 -4.52 3.47 -3.22
C MET B 149 -4.29 4.94 -3.67
N LEU B 150 -3.05 5.43 -3.61
CA LEU B 150 -2.66 6.81 -4.04
C LEU B 150 -3.19 7.15 -5.46
N SER B 151 -3.19 6.20 -6.39
CA SER B 151 -3.67 6.42 -7.78
C SER B 151 -5.15 6.85 -7.82
N PHE B 152 -5.95 6.44 -6.81
CA PHE B 152 -7.40 6.77 -6.69
C PHE B 152 -7.63 7.96 -5.76
N THR B 153 -6.96 8.04 -4.60
CA THR B 153 -7.12 9.19 -3.66
C THR B 153 -6.54 10.46 -4.32
N GLY B 154 -5.49 10.35 -5.13
CA GLY B 154 -4.97 11.49 -5.91
C GLY B 154 -5.97 12.07 -6.91
N GLN B 155 -7.01 11.32 -7.28
CA GLN B 155 -8.09 11.76 -8.21
C GLN B 155 -9.16 12.60 -7.48
N ARG B 156 -9.11 12.68 -6.15
CA ARG B 156 -10.15 13.38 -5.35
C ARG B 156 -10.30 14.81 -5.89
N ASP B 157 -9.19 15.54 -6.09
CA ASP B 157 -9.22 16.91 -6.68
C ASP B 157 -8.57 16.99 -8.09
N SER B 158 -8.46 15.89 -8.85
CA SER B 158 -7.84 15.90 -10.22
C SER B 158 -8.86 16.41 -11.26
N LYS B 159 -10.14 16.57 -10.91
CA LYS B 159 -11.20 17.19 -11.77
C LYS B 159 -11.10 16.59 -13.18
N GLY B 160 -11.06 15.26 -13.26
CA GLY B 160 -11.25 14.51 -14.51
C GLY B 160 -10.03 14.44 -15.39
N ALA B 161 -8.83 14.79 -14.91
CA ALA B 161 -7.54 14.62 -15.63
C ALA B 161 -7.39 13.15 -15.99
N TYR B 162 -6.70 12.82 -17.09
CA TYR B 162 -6.64 11.41 -17.57
C TYR B 162 -5.98 10.58 -16.45
N GLU B 163 -4.88 11.09 -15.91
CA GLU B 163 -4.05 10.29 -14.95
C GLU B 163 -3.37 11.26 -13.99
N ILE B 164 -2.97 10.72 -12.86
CA ILE B 164 -2.17 11.39 -11.80
C ILE B 164 -0.70 11.30 -12.21
N LEU B 165 0.07 12.37 -11.98
CA LEU B 165 1.52 12.46 -12.22
C LEU B 165 2.16 12.70 -10.85
N TYR B 166 3.08 11.82 -10.46
CA TYR B 166 3.82 11.92 -9.19
C TYR B 166 4.92 12.94 -9.38
N CYS B 167 4.77 14.09 -8.74
CA CYS B 167 5.73 15.24 -8.88
C CYS B 167 6.25 15.65 -7.51
N PRO B 168 6.96 14.75 -6.79
CA PRO B 168 7.41 15.06 -5.44
C PRO B 168 8.37 16.25 -5.52
N GLU B 169 8.05 17.31 -4.76
CA GLU B 169 8.85 18.57 -4.60
C GLU B 169 9.29 19.12 -5.96
N GLY B 170 8.33 19.13 -6.90
CA GLY B 170 8.54 19.74 -8.23
C GLY B 170 9.24 18.85 -9.24
N GLU B 171 9.66 17.63 -8.89
CA GLU B 171 10.44 16.73 -9.76
CA GLU B 171 10.44 16.74 -9.77
C GLU B 171 9.45 15.74 -10.33
N ILE B 172 9.30 15.70 -11.64
CA ILE B 172 8.33 14.74 -12.24
C ILE B 172 8.95 13.35 -12.15
N VAL B 173 8.27 12.37 -11.55
CA VAL B 173 8.83 11.00 -11.50
C VAL B 173 8.10 10.13 -12.52
N GLU B 174 6.81 9.86 -12.31
CA GLU B 174 6.06 8.94 -13.20
C GLU B 174 4.56 9.18 -12.98
N GLY B 175 3.77 8.61 -13.87
CA GLY B 175 2.32 8.56 -13.76
C GLY B 175 1.91 7.49 -12.80
N SER B 176 0.65 7.51 -12.34
CA SER B 176 0.06 6.42 -11.50
C SER B 176 0.03 5.07 -12.23
N HIS B 177 -0.03 5.05 -13.56
CA HIS B 177 -0.08 3.83 -14.40
C HIS B 177 0.89 3.93 -15.59
N SER B 178 1.89 4.79 -15.51
CA SER B 178 2.67 5.18 -16.69
C SER B 178 4.08 5.65 -16.37
N THR B 179 4.98 5.42 -17.31
CA THR B 179 6.28 6.12 -17.42
C THR B 179 6.07 7.49 -18.03
N PHE B 180 6.74 8.54 -17.53
CA PHE B 180 6.57 9.91 -18.11
C PHE B 180 7.81 10.30 -18.89
N PHE B 181 7.62 10.88 -20.09
CA PHE B 181 8.69 11.41 -20.98
C PHE B 181 8.39 12.89 -21.31
N LEU B 182 9.36 13.74 -21.09
CA LEU B 182 9.41 15.11 -21.62
C LEU B 182 10.27 15.15 -22.89
N ILE B 183 9.89 15.99 -23.83
CA ILE B 183 10.69 16.27 -25.06
C ILE B 183 11.08 17.75 -24.99
N LYS B 184 12.39 18.00 -24.97
CA LYS B 184 12.98 19.36 -24.85
C LYS B 184 14.09 19.44 -25.88
N ASN B 185 13.95 20.30 -26.89
CA ASN B 185 14.98 20.55 -27.93
C ASN B 185 15.31 19.22 -28.62
N GLY B 186 14.28 18.43 -28.94
CA GLY B 186 14.38 17.15 -29.65
C GLY B 186 15.02 16.01 -28.86
N HIS B 187 15.26 16.13 -27.55
CA HIS B 187 15.77 15.00 -26.75
C HIS B 187 14.71 14.57 -25.72
N LEU B 188 14.79 13.32 -25.28
CA LEU B 188 13.87 12.72 -24.31
C LEU B 188 14.47 12.97 -22.94
N ILE B 189 13.61 13.33 -21.98
CA ILE B 189 13.95 13.40 -20.54
C ILE B 189 13.01 12.48 -19.80
N THR B 190 13.52 11.58 -19.00
CA THR B 190 12.66 10.65 -18.21
C THR B 190 13.40 10.25 -16.94
N ALA B 191 12.65 10.10 -15.88
CA ALA B 191 13.18 9.84 -14.52
C ALA B 191 13.99 8.56 -14.58
N PRO B 192 15.07 8.46 -13.77
CA PRO B 192 15.84 7.22 -13.70
C PRO B 192 15.08 6.13 -12.96
N THR B 193 15.56 4.90 -13.12
CA THR B 193 14.92 3.69 -12.56
C THR B 193 15.12 3.63 -11.02
N SER B 194 15.97 4.45 -10.42
CA SER B 194 16.00 4.69 -8.96
C SER B 194 14.73 5.40 -8.48
N ARG B 195 13.97 6.09 -9.35
CA ARG B 195 12.81 6.91 -8.90
C ARG B 195 11.49 6.29 -9.39
N ALA B 196 11.49 5.76 -10.62
CA ALA B 196 10.28 5.29 -11.33
C ALA B 196 10.38 3.79 -11.61
N LEU B 197 9.24 3.13 -11.78
CA LEU B 197 9.17 1.71 -12.21
C LEU B 197 9.97 1.53 -13.52
N SER B 198 10.69 0.42 -13.66
CA SER B 198 11.41 0.12 -14.91
C SER B 198 10.37 -0.37 -15.93
N GLY B 199 9.67 0.57 -16.57
CA GLY B 199 8.59 0.23 -17.51
C GLY B 199 9.10 -0.64 -18.64
N THR B 200 8.35 -1.66 -19.05
CA THR B 200 8.61 -2.47 -20.28
C THR B 200 8.50 -1.54 -21.50
N THR B 201 7.48 -0.74 -21.59
CA THR B 201 7.23 0.22 -22.69
C THR B 201 8.39 1.25 -22.70
N ARG B 202 8.72 1.82 -21.54
CA ARG B 202 9.93 2.67 -21.30
C ARG B 202 11.18 2.00 -21.92
N GLN B 203 11.46 0.76 -21.59
CA GLN B 203 12.66 0.04 -22.07
C GLN B 203 12.61 -0.04 -23.60
N ILE B 204 11.44 -0.32 -24.19
CA ILE B 204 11.30 -0.30 -25.68
C ILE B 204 11.51 1.12 -26.21
N VAL B 205 10.93 2.13 -25.58
CA VAL B 205 11.09 3.53 -26.10
C VAL B 205 12.58 3.95 -26.06
N LEU B 206 13.35 3.57 -25.05
CA LEU B 206 14.80 3.94 -24.99
C LEU B 206 15.52 3.27 -26.17
N GLU B 207 15.14 2.04 -26.48
CA GLU B 207 15.72 1.23 -27.57
C GLU B 207 15.37 1.89 -28.92
N LEU B 208 14.11 2.32 -29.10
CA LEU B 208 13.68 3.08 -30.31
C LEU B 208 14.44 4.41 -30.40
N ALA B 209 14.68 5.09 -29.28
CA ALA B 209 15.46 6.34 -29.26
C ALA B 209 16.91 6.04 -29.73
N ARG B 210 17.51 4.96 -29.22
CA ARG B 210 18.87 4.52 -29.63
C ARG B 210 18.90 4.27 -31.15
N ARG B 211 17.93 3.52 -31.68
CA ARG B 211 17.84 3.17 -33.11
C ARG B 211 17.69 4.44 -33.96
N GLY B 212 16.98 5.46 -33.47
CA GLY B 212 16.72 6.72 -34.18
C GLY B 212 17.70 7.83 -33.89
N ASN B 213 18.79 7.58 -33.16
CA ASN B 213 19.77 8.57 -32.68
C ASN B 213 19.04 9.74 -31.99
N ILE B 214 18.08 9.44 -31.09
CA ILE B 214 17.42 10.47 -30.23
C ILE B 214 18.12 10.41 -28.88
N GLN B 215 18.70 11.51 -28.41
CA GLN B 215 19.36 11.59 -27.08
C GLN B 215 18.28 11.39 -25.98
N VAL B 216 18.64 10.67 -24.93
CA VAL B 216 17.78 10.42 -23.75
C VAL B 216 18.57 10.90 -22.53
N GLU B 217 18.01 11.80 -21.73
CA GLU B 217 18.58 12.20 -20.41
C GLU B 217 17.80 11.45 -19.34
N GLU B 218 18.45 10.58 -18.58
CA GLU B 218 17.74 9.86 -17.49
C GLU B 218 17.84 10.64 -16.19
N ARG B 219 17.01 11.67 -16.08
CA ARG B 219 16.84 12.54 -14.87
C ARG B 219 15.39 12.99 -14.85
N CYS B 220 14.90 13.31 -13.66
CA CYS B 220 13.51 13.78 -13.50
C CYS B 220 13.34 15.05 -14.32
N PRO B 221 12.33 15.15 -15.20
CA PRO B 221 11.89 16.44 -15.70
C PRO B 221 11.38 17.28 -14.50
N LEU B 222 11.47 18.62 -14.57
CA LEU B 222 10.88 19.48 -13.50
C LEU B 222 9.58 20.14 -14.00
N LEU B 223 8.64 20.33 -13.09
CA LEU B 223 7.43 21.15 -13.39
C LEU B 223 7.85 22.52 -13.92
N THR B 224 8.90 23.13 -13.35
CA THR B 224 9.32 24.49 -13.80
C THR B 224 9.89 24.48 -15.24
N GLU B 225 10.29 23.34 -15.82
CA GLU B 225 10.80 23.23 -17.23
C GLU B 225 9.66 23.15 -18.26
N LEU B 226 8.42 22.90 -17.82
CA LEU B 226 7.32 22.57 -18.77
C LEU B 226 7.11 23.70 -19.79
N PRO B 227 7.20 25.01 -19.43
CA PRO B 227 7.08 26.06 -20.45
C PRO B 227 8.13 25.99 -21.58
N GLU B 228 9.30 25.38 -21.36
CA GLU B 228 10.36 25.21 -22.40
C GLU B 228 10.21 23.85 -23.13
N ALA B 229 9.23 23.04 -22.76
CA ALA B 229 9.03 21.69 -23.37
C ALA B 229 8.36 21.84 -24.72
N GLU B 230 8.75 20.98 -25.67
CA GLU B 230 8.11 20.88 -27.02
C GLU B 230 6.92 19.92 -26.92
N GLU B 231 7.10 18.80 -26.23
CA GLU B 231 6.08 17.71 -26.19
C GLU B 231 6.28 16.92 -24.91
N ALA B 232 5.36 16.01 -24.66
CA ALA B 232 5.35 15.11 -23.50
C ALA B 232 4.48 13.89 -23.85
N PHE B 233 4.75 12.76 -23.25
CA PHE B 233 3.93 11.54 -23.46
C PHE B 233 4.12 10.62 -22.27
N ILE B 234 3.13 9.77 -22.07
CA ILE B 234 3.16 8.70 -21.04
C ILE B 234 3.11 7.35 -21.74
N THR B 235 3.79 6.39 -21.16
CA THR B 235 3.94 5.04 -21.75
C THR B 235 3.43 4.00 -20.77
N GLY B 236 2.85 2.94 -21.34
CA GLY B 236 2.63 1.70 -20.59
C GLY B 236 2.08 0.59 -21.48
N THR B 237 2.00 -0.62 -20.93
N THR B 237 1.98 -0.64 -21.01
CA THR B 237 1.20 -1.73 -21.52
CA THR B 237 1.73 -1.81 -21.91
C THR B 237 -0.24 -1.24 -21.52
C THR B 237 0.41 -1.69 -22.67
N VAL B 238 -0.98 -1.60 -22.55
N VAL B 238 -0.63 -1.11 -22.07
CA VAL B 238 -2.37 -1.10 -22.79
CA VAL B 238 -1.96 -1.11 -22.75
C VAL B 238 -2.23 0.24 -23.53
C VAL B 238 -2.18 0.21 -23.49
N LYS B 239 -1.81 1.33 -22.87
CA LYS B 239 -1.91 2.67 -23.49
C LYS B 239 -0.86 2.94 -24.57
N GLU B 240 0.21 2.16 -24.66
CA GLU B 240 1.29 2.39 -25.67
C GLU B 240 2.01 3.72 -25.40
N LEU B 241 2.09 4.65 -26.35
CA LEU B 241 2.58 6.01 -26.10
C LEU B 241 1.35 6.88 -26.28
N LEU B 242 1.05 7.68 -25.25
CA LEU B 242 -0.16 8.52 -25.20
C LEU B 242 0.32 9.97 -24.99
N PRO B 243 0.04 10.87 -25.96
CA PRO B 243 0.52 12.25 -25.90
C PRO B 243 -0.06 12.93 -24.66
N VAL B 244 0.75 13.77 -24.00
CA VAL B 244 0.36 14.66 -22.87
C VAL B 244 0.47 16.10 -23.38
N VAL B 245 -0.65 16.80 -23.42
CA VAL B 245 -0.76 18.18 -23.95
C VAL B 245 -1.02 19.18 -22.84
N ARG B 246 -1.27 18.73 -21.61
CA ARG B 246 -1.48 19.62 -20.46
C ARG B 246 -0.99 18.90 -19.18
N ILE B 247 -0.30 19.62 -18.30
CA ILE B 247 0.02 19.14 -16.93
C ILE B 247 -0.36 20.26 -15.94
N GLY B 248 -1.29 19.98 -15.00
CA GLY B 248 -1.94 21.01 -14.16
C GLY B 248 -2.52 22.14 -15.04
N ASP B 249 -2.08 23.38 -14.83
CA ASP B 249 -2.55 24.57 -15.60
C ASP B 249 -1.59 24.91 -16.76
N GLN B 250 -0.61 24.03 -17.06
CA GLN B 250 0.47 24.28 -18.06
C GLN B 250 0.18 23.52 -19.36
N ILE B 251 0.01 24.24 -20.49
CA ILE B 251 -0.07 23.60 -21.83
C ILE B 251 1.35 23.17 -22.26
N ILE B 252 1.46 21.99 -22.86
CA ILE B 252 2.76 21.46 -23.35
C ILE B 252 2.89 21.91 -24.81
N GLY B 253 3.96 22.64 -25.11
CA GLY B 253 4.24 23.15 -26.47
C GLY B 253 3.05 23.90 -27.05
N ASN B 254 2.58 23.49 -28.22
CA ASN B 254 1.38 24.09 -28.85
C ASN B 254 0.09 23.35 -28.44
N GLY B 255 0.11 22.38 -27.52
CA GLY B 255 -1.13 21.82 -26.90
C GLY B 255 -1.85 20.75 -27.72
N VAL B 256 -1.19 20.27 -28.78
CA VAL B 256 -1.59 19.09 -29.60
C VAL B 256 -0.45 18.10 -29.57
N PRO B 257 -0.71 16.80 -29.84
CA PRO B 257 0.37 15.82 -29.91
C PRO B 257 1.50 16.25 -30.84
N GLY B 258 2.75 16.04 -30.43
CA GLY B 258 3.91 16.56 -31.18
C GLY B 258 4.48 15.57 -32.19
N LYS B 259 5.36 16.02 -33.07
CA LYS B 259 5.96 15.21 -34.17
C LYS B 259 6.75 14.02 -33.61
N LEU B 260 7.57 14.22 -32.60
CA LEU B 260 8.49 13.13 -32.12
C LEU B 260 7.65 12.10 -31.36
N THR B 261 6.62 12.52 -30.61
CA THR B 261 5.65 11.59 -29.98
C THR B 261 5.00 10.70 -31.06
N LYS B 262 4.45 11.29 -32.10
CA LYS B 262 3.69 10.56 -33.15
C LYS B 262 4.65 9.64 -33.88
N HIS B 263 5.88 10.10 -34.11
CA HIS B 263 6.95 9.31 -34.75
C HIS B 263 7.26 8.06 -33.89
N LEU B 264 7.53 8.24 -32.61
CA LEU B 264 7.92 7.13 -31.70
C LEU B 264 6.75 6.15 -31.59
N HIS B 265 5.51 6.63 -31.53
CA HIS B 265 4.31 5.77 -31.44
C HIS B 265 4.22 4.94 -32.73
N GLN B 266 4.40 5.54 -33.91
CA GLN B 266 4.29 4.81 -35.21
C GLN B 266 5.38 3.74 -35.27
N VAL B 267 6.63 4.10 -34.95
CA VAL B 267 7.77 3.12 -35.00
C VAL B 267 7.49 1.98 -34.00
N TYR B 268 6.98 2.32 -32.82
CA TYR B 268 6.64 1.33 -31.77
C TYR B 268 5.67 0.31 -32.36
N LEU B 269 4.60 0.78 -32.96
CA LEU B 269 3.54 -0.12 -33.51
C LEU B 269 4.04 -0.86 -34.73
N SER B 270 4.92 -0.25 -35.52
CA SER B 270 5.51 -0.89 -36.75
C SER B 270 6.42 -2.02 -36.29
N SER B 271 7.10 -1.87 -35.13
CA SER B 271 8.17 -2.78 -34.65
C SER B 271 7.67 -3.80 -33.63
N ILE B 272 6.40 -3.74 -33.22
CA ILE B 272 5.92 -4.31 -31.92
C ILE B 272 6.11 -5.83 -31.89
N VAL B 273 5.97 -6.54 -33.03
CA VAL B 273 6.09 -8.02 -33.09
C VAL B 273 7.46 -8.50 -32.57
N GLU B 274 8.52 -7.73 -32.72
CA GLU B 274 9.86 -8.02 -32.15
C GLU B 274 9.72 -8.36 -30.67
N TRP B 275 8.80 -7.72 -29.92
CA TRP B 275 8.75 -7.94 -28.45
C TRP B 275 7.60 -8.87 -28.05
N LEU B 276 6.88 -9.42 -29.00
CA LEU B 276 5.80 -10.41 -28.71
C LEU B 276 6.41 -11.77 -28.48
N GLU B 277 5.73 -12.59 -27.69
CA GLU B 277 6.18 -13.95 -27.34
C GLU B 277 4.97 -14.86 -27.53
#